data_7EX3
#
_entry.id   7EX3
#
_cell.length_a   40.666
_cell.length_b   70.873
_cell.length_c   71.253
_cell.angle_alpha   90.000
_cell.angle_beta   90.000
_cell.angle_gamma   90.000
#
_symmetry.space_group_name_H-M   'P 21 21 21'
#
loop_
_entity.id
_entity.type
_entity.pdbx_description
1 polymer Replicase
2 non-polymer 'MANGANESE (II) ION'
3 non-polymer 'methyl (Z)-4-(4-(4-chlorobenzyl)-1-(2-fluorobenzyl)piperidin-4-yl)-2-hydroxy-4-oxobut-2-enoate'
4 non-polymer 'CHLORIDE ION'
5 water water
#
_entity_poly.entity_id   1
_entity_poly.type   'polypeptide(L)'
_entity_poly.pdbx_seq_one_letter_code
;MGSSHHHHHHSSGLVPRGSHMASMTGGQQMGRGSEFMEDPMYEQFLQRIQAVRTATVAKDISADILEARHDYFGRELCRA
LDIEYRNNVLLDEIILDVYPGVNLMEYNVPHVTPDNYIWTGDMLLILDYKVSVGHDSTEVTYKKYTTLILPVMQEIGINT
EICIIRANPVTNQISIVGEQFKRLFPTIPVELNFARFFELRKMLLDKFADDEEFLMMIA
;
_entity_poly.pdbx_strand_id   A
#
# COMPACT_ATOMS: atom_id res chain seq x y z
N ASP A 39 3.32 11.51 -19.76
CA ASP A 39 3.23 10.33 -18.91
C ASP A 39 4.62 9.75 -18.64
N PRO A 40 5.46 10.50 -17.91
CA PRO A 40 6.86 10.06 -17.74
C PRO A 40 6.98 8.75 -16.99
N MET A 41 6.02 8.41 -16.14
CA MET A 41 6.07 7.12 -15.48
C MET A 41 5.77 6.00 -16.47
N TYR A 42 4.77 6.20 -17.33
CA TYR A 42 4.45 5.22 -18.35
C TYR A 42 5.61 5.02 -19.32
N GLU A 43 6.24 6.11 -19.77
CA GLU A 43 7.25 6.01 -20.82
C GLU A 43 8.51 5.32 -20.31
N GLN A 44 8.86 5.55 -19.04
CA GLN A 44 9.98 4.84 -18.43
C GLN A 44 9.74 3.32 -18.40
N PHE A 45 8.53 2.91 -18.01
CA PHE A 45 8.20 1.48 -18.01
C PHE A 45 8.25 0.92 -19.43
N LEU A 46 7.65 1.62 -20.38
CA LEU A 46 7.64 1.17 -21.77
C LEU A 46 9.06 1.00 -22.30
N GLN A 47 9.93 1.99 -22.05
CA GLN A 47 11.32 1.87 -22.46
C GLN A 47 11.96 0.63 -21.87
N ARG A 48 11.68 0.33 -20.61
CA ARG A 48 12.25 -0.85 -19.98
C ARG A 48 11.69 -2.13 -20.62
N ILE A 49 10.39 -2.12 -20.96
CA ILE A 49 9.77 -3.28 -21.58
C ILE A 49 10.30 -3.50 -23.00
N GLN A 50 10.59 -2.40 -23.71
CA GLN A 50 11.15 -2.55 -25.04
C GLN A 50 12.55 -3.16 -25.00
N ALA A 51 13.34 -2.79 -23.99
CA ALA A 51 14.73 -3.20 -23.92
C ALA A 51 14.95 -4.54 -23.22
N VAL A 52 14.05 -4.98 -22.36
CA VAL A 52 14.34 -6.17 -21.55
C VAL A 52 14.46 -7.41 -22.43
N ARG A 53 15.44 -8.28 -22.09
CA ARG A 53 15.72 -9.51 -22.81
C ARG A 53 15.70 -10.76 -21.95
N THR A 54 15.76 -10.63 -20.61
CA THR A 54 15.89 -11.78 -19.72
C THR A 54 14.72 -11.87 -18.75
N ALA A 55 14.41 -13.10 -18.33
CA ALA A 55 13.29 -13.34 -17.43
C ALA A 55 13.46 -12.62 -16.09
N THR A 56 14.70 -12.56 -15.58
CA THR A 56 14.90 -11.99 -14.26
C THR A 56 14.73 -10.47 -14.28
N VAL A 57 15.14 -9.81 -15.36
CA VAL A 57 14.91 -8.37 -15.45
C VAL A 57 13.44 -8.09 -15.71
N ALA A 58 12.79 -8.91 -16.53
CA ALA A 58 11.36 -8.74 -16.76
C ALA A 58 10.56 -8.90 -15.47
N LYS A 59 10.96 -9.85 -14.63
CA LYS A 59 10.23 -10.06 -13.38
C LYS A 59 10.29 -8.83 -12.49
N ASP A 60 11.47 -8.18 -12.44
CA ASP A 60 11.59 -6.91 -11.72
C ASP A 60 10.72 -5.82 -12.34
N ILE A 61 10.58 -5.84 -13.67
CA ILE A 61 9.70 -4.86 -14.29
C ILE A 61 8.28 -5.09 -13.81
N SER A 62 7.87 -6.36 -13.74
CA SER A 62 6.50 -6.70 -13.36
C SER A 62 6.21 -6.23 -11.92
N ALA A 63 7.11 -6.54 -10.99
CA ALA A 63 6.91 -6.11 -9.61
C ALA A 63 6.87 -4.59 -9.51
N ASP A 64 7.80 -3.92 -10.22
CA ASP A 64 7.82 -2.47 -10.24
C ASP A 64 6.51 -1.87 -10.71
N ILE A 65 5.89 -2.48 -11.73
CA ILE A 65 4.59 -2.01 -12.21
C ILE A 65 3.54 -2.19 -11.12
N LEU A 66 3.54 -3.34 -10.45
CA LEU A 66 2.54 -3.58 -9.41
C LEU A 66 2.73 -2.60 -8.24
N GLU A 67 3.99 -2.27 -7.93
CA GLU A 67 4.23 -1.32 -6.85
C GLU A 67 3.78 0.08 -7.25
N ALA A 68 4.04 0.48 -8.50
CA ALA A 68 3.67 1.83 -8.94
C ALA A 68 2.17 2.00 -9.02
N ARG A 69 1.42 0.94 -9.38
CA ARG A 69 -0.03 1.04 -9.39
C ARG A 69 -0.59 1.07 -7.97
N HIS A 70 0.11 0.43 -7.03
CA HIS A 70 -0.26 0.53 -5.62
C HIS A 70 -0.03 1.93 -5.09
N ASP A 71 1.09 2.55 -5.47
CA ASP A 71 1.40 3.90 -5.01
C ASP A 71 0.48 4.92 -5.66
N TYR A 72 0.15 4.71 -6.93
CA TYR A 72 -0.82 5.56 -7.59
C TYR A 72 -2.13 5.58 -6.83
N PHE A 73 -2.62 4.41 -6.38
CA PHE A 73 -3.86 4.39 -5.62
C PHE A 73 -3.71 5.16 -4.31
N GLY A 74 -2.55 5.06 -3.66
CA GLY A 74 -2.37 5.74 -2.39
C GLY A 74 -2.39 7.24 -2.54
N ARG A 75 -1.65 7.78 -3.51
CA ARG A 75 -1.71 9.21 -3.78
C ARG A 75 -3.16 9.65 -4.05
N GLU A 76 -3.82 8.96 -4.98
CA GLU A 76 -5.19 9.32 -5.36
C GLU A 76 -6.16 9.24 -4.19
N LEU A 77 -6.01 8.23 -3.33
CA LEU A 77 -6.88 8.07 -2.17
C LEU A 77 -6.70 9.22 -1.17
N CYS A 78 -5.44 9.54 -0.84
CA CYS A 78 -5.18 10.60 0.13
C CYS A 78 -5.61 11.96 -0.39
N ARG A 79 -5.48 12.16 -1.70
CA ARG A 79 -5.93 13.41 -2.32
C ARG A 79 -7.45 13.54 -2.20
N ALA A 80 -8.17 12.49 -2.57
CA ALA A 80 -9.62 12.51 -2.50
C ALA A 80 -10.12 12.75 -1.09
N LEU A 81 -9.42 12.23 -0.09
CA LEU A 81 -9.77 12.42 1.31
C LEU A 81 -9.12 13.65 1.92
N ASP A 82 -8.21 14.31 1.19
CA ASP A 82 -7.46 15.48 1.66
C ASP A 82 -6.74 15.19 2.97
N ILE A 83 -6.05 14.05 3.02
CA ILE A 83 -5.18 13.68 4.12
C ILE A 83 -3.76 13.64 3.61
N GLU A 84 -2.81 13.77 4.54
CA GLU A 84 -1.40 13.73 4.20
C GLU A 84 -1.06 12.42 3.49
N TYR A 85 -0.34 12.53 2.38
CA TYR A 85 0.10 11.36 1.65
C TYR A 85 1.47 10.92 2.19
N ARG A 86 1.55 9.69 2.64
CA ARG A 86 2.81 9.06 2.98
C ARG A 86 2.82 7.66 2.36
N ASN A 87 4.01 7.09 2.22
CA ASN A 87 4.12 5.74 1.68
C ASN A 87 5.27 5.01 2.37
N ASN A 88 4.97 4.39 3.53
CA ASN A 88 5.86 3.60 4.37
C ASN A 88 6.50 4.54 5.39
N VAL A 89 5.94 4.53 6.60
CA VAL A 89 6.49 5.23 7.74
C VAL A 89 6.85 4.18 8.77
N LEU A 90 8.08 4.26 9.26
CA LEU A 90 8.56 3.39 10.31
C LEU A 90 7.69 3.57 11.56
N LEU A 91 7.25 2.44 12.14
CA LEU A 91 6.39 2.50 13.32
C LEU A 91 6.98 3.38 14.42
N ASP A 92 8.30 3.29 14.62
CA ASP A 92 8.94 4.14 15.61
C ASP A 92 8.66 5.61 15.33
N GLU A 93 8.67 6.00 14.05
CA GLU A 93 8.46 7.40 13.72
C GLU A 93 7.00 7.81 13.92
N ILE A 94 6.07 6.90 13.63
CA ILE A 94 4.66 7.18 13.93
C ILE A 94 4.49 7.45 15.41
N ILE A 95 5.08 6.60 16.25
CA ILE A 95 4.96 6.75 17.70
C ILE A 95 5.49 8.09 18.16
N LEU A 96 6.65 8.51 17.65
CA LEU A 96 7.21 9.78 18.08
C LEU A 96 6.36 10.97 17.62
N ASP A 97 5.69 10.83 16.46
CA ASP A 97 4.81 11.89 15.99
C ASP A 97 3.60 12.09 16.89
N VAL A 98 2.96 11.01 17.33
CA VAL A 98 1.77 11.11 18.17
C VAL A 98 2.11 11.32 19.65
N TYR A 99 3.25 10.82 20.12
CA TYR A 99 3.62 10.87 21.53
C TYR A 99 5.06 11.32 21.63
N PRO A 100 5.31 12.63 21.50
CA PRO A 100 6.71 13.10 21.39
C PRO A 100 7.58 12.78 22.60
N GLY A 101 6.99 12.68 23.78
CA GLY A 101 7.78 12.41 24.97
C GLY A 101 8.08 10.95 25.23
N VAL A 102 7.82 10.07 24.26
CA VAL A 102 8.00 8.64 24.49
C VAL A 102 9.49 8.32 24.64
N ASN A 103 9.79 7.37 25.52
CA ASN A 103 11.12 6.77 25.59
C ASN A 103 11.05 5.45 24.84
N LEU A 104 11.32 5.52 23.54
CA LEU A 104 11.30 4.43 22.60
C LEU A 104 12.00 3.19 23.16
N MET A 105 13.05 3.40 23.93
CA MET A 105 13.85 2.25 24.35
C MET A 105 13.18 1.45 25.45
N GLU A 106 12.11 1.95 26.06
CA GLU A 106 11.40 1.20 27.08
C GLU A 106 10.40 0.22 26.49
N TYR A 107 10.34 0.10 25.17
CA TYR A 107 9.36 -0.75 24.51
C TYR A 107 10.02 -1.59 23.43
N ASN A 108 9.37 -2.69 23.10
CA ASN A 108 9.78 -3.54 21.98
C ASN A 108 8.92 -3.12 20.78
N VAL A 109 9.45 -2.24 19.94
CA VAL A 109 8.71 -1.67 18.82
C VAL A 109 9.09 -2.47 17.57
N PRO A 110 8.18 -3.25 17.00
CA PRO A 110 8.51 -3.88 15.71
C PRO A 110 8.71 -2.82 14.66
N HIS A 111 9.76 -2.98 13.88
CA HIS A 111 10.16 -1.96 12.91
C HIS A 111 9.42 -2.12 11.58
N VAL A 112 8.08 -2.21 11.66
CA VAL A 112 7.27 -2.30 10.45
C VAL A 112 7.08 -0.91 9.87
N THR A 113 6.74 -0.86 8.57
CA THR A 113 6.54 0.39 7.85
C THR A 113 5.20 0.38 7.14
N PRO A 114 4.10 0.56 7.87
CA PRO A 114 2.81 0.75 7.21
C PRO A 114 2.86 1.95 6.28
N ASP A 115 1.98 1.96 5.28
CA ASP A 115 2.01 3.00 4.26
C ASP A 115 1.80 4.38 4.85
N ASN A 116 0.89 4.52 5.81
CA ASN A 116 0.47 5.85 6.21
C ASN A 116 -0.24 5.77 7.56
N TYR A 117 -0.64 6.92 8.09
CA TYR A 117 -1.44 6.93 9.31
C TYR A 117 -2.22 8.23 9.39
N ILE A 118 -3.27 8.21 10.21
CA ILE A 118 -4.01 9.43 10.58
C ILE A 118 -4.00 9.53 12.10
N TRP A 119 -3.45 10.63 12.61
CA TRP A 119 -3.51 10.96 14.02
C TRP A 119 -4.56 12.04 14.18
N THR A 120 -5.71 11.66 14.73
CA THR A 120 -6.80 12.61 14.93
C THR A 120 -6.56 13.52 16.13
N GLY A 121 -5.68 13.13 17.05
CA GLY A 121 -5.54 13.77 18.33
C GLY A 121 -6.02 12.90 19.46
N ASP A 122 -6.99 12.02 19.18
CA ASP A 122 -7.53 11.03 20.10
C ASP A 122 -7.27 9.59 19.66
N MET A 123 -7.13 9.35 18.35
CA MET A 123 -6.98 7.98 17.88
C MET A 123 -6.00 7.91 16.73
N LEU A 124 -5.28 6.79 16.66
CA LEU A 124 -4.32 6.56 15.60
C LEU A 124 -4.89 5.52 14.64
N LEU A 125 -5.06 5.92 13.38
CA LEU A 125 -5.45 5.00 12.32
C LEU A 125 -4.19 4.68 11.51
N ILE A 126 -3.76 3.43 11.60
CA ILE A 126 -2.70 2.89 10.76
C ILE A 126 -3.30 2.50 9.42
N LEU A 127 -2.69 2.94 8.33
CA LEU A 127 -3.27 2.82 7.00
C LEU A 127 -2.34 1.97 6.15
N ASP A 128 -2.88 0.97 5.47
CA ASP A 128 -2.12 0.37 4.37
C ASP A 128 -2.98 0.27 3.12
N TYR A 129 -2.43 0.71 1.99
CA TYR A 129 -3.09 0.62 0.70
C TYR A 129 -2.88 -0.76 0.10
N LYS A 130 -3.86 -1.20 -0.69
CA LYS A 130 -3.75 -2.43 -1.46
C LYS A 130 -4.45 -2.21 -2.80
N VAL A 131 -3.89 -2.79 -3.85
CA VAL A 131 -4.54 -2.91 -5.14
C VAL A 131 -4.54 -4.39 -5.51
N SER A 132 -5.73 -4.99 -5.62
CA SER A 132 -5.85 -6.43 -5.86
C SER A 132 -7.30 -6.77 -6.18
N VAL A 133 -7.49 -7.78 -7.04
CA VAL A 133 -8.84 -8.32 -7.24
C VAL A 133 -9.29 -9.19 -6.08
N GLY A 134 -8.37 -9.66 -5.23
CA GLY A 134 -8.68 -10.59 -4.18
C GLY A 134 -8.40 -10.05 -2.78
N HIS A 135 -8.75 -10.88 -1.79
CA HIS A 135 -8.70 -10.55 -0.37
C HIS A 135 -7.42 -10.99 0.32
N ASP A 136 -6.64 -11.86 -0.30
CA ASP A 136 -5.61 -12.57 0.45
C ASP A 136 -4.54 -11.62 0.98
N SER A 137 -4.08 -10.69 0.14
CA SER A 137 -3.05 -9.76 0.61
C SER A 137 -3.58 -8.85 1.71
N THR A 138 -4.86 -8.48 1.65
CA THR A 138 -5.45 -7.73 2.75
C THR A 138 -5.37 -8.51 4.05
N GLU A 139 -5.71 -9.80 4.02
CA GLU A 139 -5.67 -10.67 5.21
C GLU A 139 -4.24 -10.82 5.73
N VAL A 140 -3.26 -10.97 4.83
CA VAL A 140 -1.88 -11.11 5.29
C VAL A 140 -1.47 -9.89 6.11
N THR A 141 -1.67 -8.70 5.55
CA THR A 141 -1.24 -7.46 6.20
C THR A 141 -2.08 -7.17 7.43
N TYR A 142 -3.37 -7.55 7.38
CA TYR A 142 -4.21 -7.33 8.56
C TYR A 142 -3.66 -8.10 9.75
N LYS A 143 -3.43 -9.40 9.58
CA LYS A 143 -2.85 -10.23 10.64
C LYS A 143 -1.53 -9.69 11.12
N LYS A 144 -0.64 -9.34 10.19
CA LYS A 144 0.69 -8.85 10.55
C LYS A 144 0.59 -7.59 11.41
N TYR A 145 -0.18 -6.61 10.98
CA TYR A 145 -0.19 -5.33 11.70
C TYR A 145 -1.02 -5.41 12.97
N THR A 146 -2.05 -6.26 12.98
CA THR A 146 -2.82 -6.47 14.20
C THR A 146 -1.92 -7.07 15.27
N THR A 147 -1.22 -8.15 14.94
CA THR A 147 -0.42 -8.84 15.94
C THR A 147 0.88 -8.11 16.27
N LEU A 148 1.39 -7.26 15.41
CA LEU A 148 2.68 -6.61 15.66
C LEU A 148 2.55 -5.17 16.13
N ILE A 149 1.52 -4.45 15.72
CA ILE A 149 1.41 -3.05 16.11
C ILE A 149 0.55 -2.89 17.37
N LEU A 150 -0.58 -3.58 17.45
CA LEU A 150 -1.51 -3.32 18.54
C LEU A 150 -0.93 -3.59 19.94
N PRO A 151 -0.19 -4.66 20.20
CA PRO A 151 0.34 -4.84 21.56
C PRO A 151 1.17 -3.66 22.06
N VAL A 152 2.13 -3.16 21.27
CA VAL A 152 2.99 -2.12 21.81
C VAL A 152 2.24 -0.82 21.95
N MET A 153 1.26 -0.56 21.08
CA MET A 153 0.49 0.68 21.17
C MET A 153 -0.40 0.70 22.41
N GLN A 154 -0.90 -0.46 22.82
CA GLN A 154 -1.66 -0.54 24.07
C GLN A 154 -0.75 -0.33 25.26
N GLU A 155 0.47 -0.90 25.21
CA GLU A 155 1.50 -0.63 26.21
C GLU A 155 1.81 0.84 26.31
N ILE A 156 2.00 1.49 25.16
CA ILE A 156 2.32 2.91 25.17
C ILE A 156 1.11 3.71 25.63
N GLY A 157 -0.10 3.24 25.34
CA GLY A 157 -1.30 3.97 25.66
C GLY A 157 -1.90 4.77 24.52
N ILE A 158 -1.77 4.32 23.28
CA ILE A 158 -2.25 5.04 22.11
C ILE A 158 -3.35 4.22 21.46
N ASN A 159 -4.57 4.76 21.48
CA ASN A 159 -5.71 4.11 20.85
C ASN A 159 -5.49 4.01 19.34
N THR A 160 -5.44 2.79 18.83
CA THR A 160 -4.99 2.50 17.48
C THR A 160 -5.97 1.60 16.76
N GLU A 161 -6.17 1.84 15.47
CA GLU A 161 -6.94 0.94 14.64
C GLU A 161 -6.14 0.56 13.41
N ILE A 162 -6.18 -0.71 13.03
CA ILE A 162 -5.55 -1.15 11.79
C ILE A 162 -6.53 -0.97 10.63
N CYS A 163 -6.15 -0.17 9.63
CA CYS A 163 -7.01 0.16 8.50
C CYS A 163 -6.34 -0.24 7.19
N ILE A 164 -7.03 -1.06 6.41
CA ILE A 164 -6.54 -1.50 5.11
C ILE A 164 -7.60 -1.13 4.06
N ILE A 165 -7.17 -0.38 3.05
CA ILE A 165 -8.04 0.14 1.99
C ILE A 165 -7.63 -0.52 0.68
N ARG A 166 -8.52 -1.27 0.07
CA ARG A 166 -8.20 -2.00 -1.15
C ARG A 166 -8.99 -1.46 -2.32
N ALA A 167 -8.29 -1.18 -3.42
CA ALA A 167 -8.95 -0.93 -4.69
C ALA A 167 -8.84 -2.19 -5.54
N ASN A 168 -9.97 -2.63 -6.09
CA ASN A 168 -9.97 -3.62 -7.16
C ASN A 168 -9.51 -2.91 -8.42
N PRO A 169 -8.38 -3.31 -9.03
CA PRO A 169 -7.89 -2.55 -10.18
C PRO A 169 -8.71 -2.74 -11.44
N VAL A 170 -9.53 -3.79 -11.51
CA VAL A 170 -10.40 -4.00 -12.67
C VAL A 170 -11.72 -3.26 -12.52
N THR A 171 -12.35 -3.34 -11.34
CA THR A 171 -13.66 -2.73 -11.15
C THR A 171 -13.62 -1.34 -10.53
N ASN A 172 -12.49 -0.91 -9.99
CA ASN A 172 -12.33 0.38 -9.30
C ASN A 172 -13.12 0.45 -8.01
N GLN A 173 -13.75 -0.64 -7.58
CA GLN A 173 -14.50 -0.65 -6.32
C GLN A 173 -13.53 -0.67 -5.13
N ILE A 174 -13.88 0.07 -4.08
CA ILE A 174 -13.04 0.27 -2.91
C ILE A 174 -13.59 -0.56 -1.75
N SER A 175 -12.72 -1.32 -1.10
CA SER A 175 -13.07 -2.08 0.10
C SER A 175 -12.24 -1.56 1.25
N ILE A 176 -12.85 -1.42 2.43
CA ILE A 176 -12.21 -0.88 3.62
C ILE A 176 -12.45 -1.81 4.79
N VAL A 177 -11.37 -2.18 5.50
CA VAL A 177 -11.46 -2.76 6.83
C VAL A 177 -10.93 -1.70 7.80
N GLY A 178 -11.71 -1.42 8.83
CA GLY A 178 -11.39 -0.32 9.72
C GLY A 178 -12.60 0.53 10.01
N GLU A 179 -13.34 0.18 11.08
CA GLU A 179 -14.64 0.80 11.33
C GLU A 179 -14.53 2.30 11.58
N GLN A 180 -13.46 2.73 12.25
CA GLN A 180 -13.28 4.16 12.47
C GLN A 180 -12.88 4.90 11.21
N PHE A 181 -12.15 4.25 10.31
CA PHE A 181 -11.90 4.85 9.02
C PHE A 181 -13.21 5.06 8.25
N LYS A 182 -14.08 4.06 8.24
CA LYS A 182 -15.36 4.22 7.54
C LYS A 182 -16.18 5.34 8.15
N ARG A 183 -16.16 5.44 9.48
CA ARG A 183 -16.90 6.49 10.17
C ARG A 183 -16.37 7.86 9.80
N LEU A 184 -15.06 8.00 9.68
CA LEU A 184 -14.47 9.27 9.31
C LEU A 184 -14.67 9.62 7.85
N PHE A 185 -14.73 8.63 6.97
CA PHE A 185 -14.77 8.83 5.53
C PHE A 185 -15.87 7.96 4.93
N PRO A 186 -17.14 8.38 5.08
CA PRO A 186 -18.25 7.54 4.60
C PRO A 186 -18.27 7.33 3.10
N THR A 187 -17.85 8.34 2.30
CA THR A 187 -17.66 8.17 0.88
C THR A 187 -16.22 8.51 0.54
N ILE A 188 -15.71 7.90 -0.52
CA ILE A 188 -14.37 8.16 -1.03
C ILE A 188 -14.51 8.54 -2.50
N PRO A 189 -14.53 9.84 -2.80
CA PRO A 189 -14.67 10.31 -4.20
C PRO A 189 -13.36 10.25 -4.98
N VAL A 190 -12.82 9.02 -5.16
CA VAL A 190 -11.64 8.82 -6.00
C VAL A 190 -12.08 8.65 -7.44
N GLU A 191 -11.19 8.99 -8.36
CA GLU A 191 -11.37 8.77 -9.80
C GLU A 191 -10.18 7.94 -10.25
N LEU A 192 -10.35 6.62 -10.31
CA LEU A 192 -9.24 5.71 -10.57
C LEU A 192 -9.26 5.18 -11.99
N ASN A 193 -8.09 5.16 -12.63
CA ASN A 193 -7.92 4.56 -13.94
C ASN A 193 -6.64 3.73 -13.87
N PHE A 194 -6.77 2.41 -13.86
CA PHE A 194 -5.65 1.49 -13.80
C PHE A 194 -5.29 0.93 -15.17
N ALA A 195 -5.92 1.43 -16.25
CA ALA A 195 -5.78 0.83 -17.58
C ALA A 195 -4.34 0.81 -18.05
N ARG A 196 -3.61 1.89 -17.83
CA ARG A 196 -2.23 2.00 -18.30
C ARG A 196 -1.32 0.98 -17.61
N PHE A 197 -1.58 0.70 -16.32
CA PHE A 197 -0.76 -0.30 -15.62
C PHE A 197 -1.01 -1.69 -16.18
N PHE A 198 -2.25 -1.97 -16.56
CA PHE A 198 -2.57 -3.26 -17.13
C PHE A 198 -1.95 -3.40 -18.53
N GLU A 199 -2.04 -2.36 -19.34
CA GLU A 199 -1.39 -2.34 -20.64
C GLU A 199 0.11 -2.63 -20.53
N LEU A 200 0.83 -1.92 -19.65
CA LEU A 200 2.26 -2.15 -19.51
C LEU A 200 2.54 -3.59 -19.13
N ARG A 201 1.84 -4.09 -18.10
CA ARG A 201 2.11 -5.45 -17.65
C ARG A 201 1.72 -6.48 -18.71
N LYS A 202 0.63 -6.24 -19.44
CA LYS A 202 0.23 -7.18 -20.49
C LYS A 202 1.28 -7.24 -21.59
N MET A 203 1.80 -6.09 -21.99
CA MET A 203 2.88 -6.05 -22.99
C MET A 203 4.06 -6.90 -22.55
N LEU A 204 4.46 -6.77 -21.28
CA LEU A 204 5.62 -7.49 -20.76
C LEU A 204 5.35 -8.98 -20.70
N LEU A 205 4.15 -9.36 -20.28
CA LEU A 205 3.82 -10.79 -20.18
C LEU A 205 3.71 -11.41 -21.56
N ASP A 206 3.19 -10.66 -22.54
CA ASP A 206 3.14 -11.17 -23.91
C ASP A 206 4.53 -11.31 -24.51
N LYS A 207 5.46 -10.44 -24.12
CA LYS A 207 6.82 -10.55 -24.66
C LYS A 207 7.48 -11.84 -24.19
N PHE A 208 7.05 -12.39 -23.06
CA PHE A 208 7.67 -13.53 -22.41
C PHE A 208 6.71 -14.70 -22.27
N ALA A 209 5.64 -14.75 -23.08
CA ALA A 209 4.65 -15.80 -22.89
C ALA A 209 5.15 -17.16 -23.33
N ASP A 210 6.24 -17.22 -24.10
CA ASP A 210 6.88 -18.49 -24.43
C ASP A 210 8.23 -18.66 -23.73
N ASP A 211 8.39 -18.01 -22.56
CA ASP A 211 9.63 -18.09 -21.77
C ASP A 211 9.35 -18.89 -20.50
N GLU A 212 9.85 -20.13 -20.47
CA GLU A 212 9.67 -21.03 -19.34
C GLU A 212 10.11 -20.42 -18.02
N GLU A 213 11.33 -19.84 -18.00
CA GLU A 213 11.85 -19.22 -16.78
C GLU A 213 10.84 -18.23 -16.21
N PHE A 214 10.53 -17.18 -17.00
CA PHE A 214 9.60 -16.14 -16.55
C PHE A 214 8.26 -16.73 -16.12
N LEU A 215 7.80 -17.78 -16.83
CA LEU A 215 6.56 -18.46 -16.44
C LEU A 215 6.57 -18.77 -14.95
N MET A 216 7.67 -19.34 -14.47
CA MET A 216 7.78 -19.72 -13.07
C MET A 216 7.88 -18.50 -12.16
N MET A 217 8.71 -17.54 -12.50
CA MET A 217 8.92 -16.36 -11.67
C MET A 217 7.64 -15.54 -11.51
#